data_4AVR
#
_entry.id   4AVR
#
_cell.length_a   33.978
_cell.length_b   39.020
_cell.length_c   41.870
_cell.angle_alpha   102.80
_cell.angle_beta   103.48
_cell.angle_gamma   115.54
#
_symmetry.space_group_name_H-M   'P 1'
#
loop_
_entity.id
_entity.type
_entity.pdbx_description
1 polymer PA4485
2 water water
#
_entity_poly.entity_id   1
_entity_poly.type   'polypeptide(L)'
_entity_poly.pdbx_seq_one_letter_code
;MDTGEASYYGSRHAGLRTASGERYNPNAMTAAHRTLPFGARVRVTNLDNRRSVVVRINDRGPFRRGRIIDVSRKAAEGLG
MIRSGVAPVRIESLD
;
_entity_poly.pdbx_strand_id   A,B
#
# COMPACT_ATOMS: atom_id res chain seq x y z
N MET A 1 -9.32 -22.69 -10.23
CA MET A 1 -8.27 -21.65 -10.36
C MET A 1 -8.83 -20.40 -11.04
N ASP A 2 -8.29 -19.24 -10.66
CA ASP A 2 -8.68 -17.98 -11.26
C ASP A 2 -7.41 -17.13 -11.44
N THR A 3 -7.55 -16.07 -12.20
CA THR A 3 -6.43 -15.20 -12.55
C THR A 3 -6.87 -13.76 -12.49
N GLY A 4 -5.97 -12.88 -12.06
CA GLY A 4 -6.19 -11.46 -12.13
C GLY A 4 -4.98 -10.74 -11.58
N GLU A 5 -5.10 -9.42 -11.43
CA GLU A 5 -4.03 -8.63 -10.85
C GLU A 5 -4.04 -8.76 -9.33
N ALA A 6 -2.87 -8.87 -8.74
CA ALA A 6 -2.67 -8.74 -7.28
C ALA A 6 -2.04 -7.40 -6.98
N SER A 7 -2.42 -6.85 -5.84
CA SER A 7 -1.80 -5.66 -5.26
C SER A 7 -1.38 -5.98 -3.83
N TYR A 8 -0.75 -5.00 -3.17
CA TYR A 8 -0.50 -5.13 -1.73
C TYR A 8 -0.90 -3.88 -0.98
N TYR A 9 -1.30 -4.08 0.27
CA TYR A 9 -1.72 -3.00 1.15
C TYR A 9 -0.57 -2.05 1.49
N GLY A 10 -0.88 -0.77 1.56
CA GLY A 10 0.03 0.17 2.19
C GLY A 10 0.01 0.06 3.69
N SER A 11 1.08 0.52 4.32
CA SER A 11 1.20 0.52 5.76
C SER A 11 0.26 1.50 6.39
N ARG A 12 -0.29 2.44 5.64
CA ARG A 12 -1.26 3.38 6.18
C ARG A 12 -2.47 2.64 6.76
N HIS A 13 -2.72 1.42 6.28
CA HIS A 13 -3.83 0.59 6.74
C HIS A 13 -3.53 -0.17 8.00
N ALA A 14 -2.28 -0.23 8.42
CA ALA A 14 -1.90 -1.09 9.54
C ALA A 14 -2.62 -0.65 10.81
N GLY A 15 -3.22 -1.60 11.50
CA GLY A 15 -4.00 -1.30 12.70
C GLY A 15 -5.47 -0.99 12.47
N LEU A 16 -5.87 -0.77 11.22
CA LEU A 16 -7.27 -0.47 10.92
C LEU A 16 -8.03 -1.75 10.67
N ARG A 17 -9.32 -1.73 10.96
CA ARG A 17 -10.14 -2.93 10.87
C ARG A 17 -10.38 -3.36 9.45
N THR A 18 -10.13 -4.64 9.20
CA THR A 18 -10.57 -5.31 8.01
C THR A 18 -12.03 -5.72 8.15
N ALA A 19 -12.63 -6.17 7.07
CA ALA A 19 -14.04 -6.62 7.10
C ALA A 19 -14.23 -7.82 8.04
N SER A 20 -13.18 -8.64 8.23
CA SER A 20 -13.24 -9.80 9.14
C SER A 20 -13.21 -9.40 10.59
N GLY A 21 -12.87 -8.15 10.86
CA GLY A 21 -12.70 -7.67 12.22
C GLY A 21 -11.25 -7.60 12.64
N GLU A 22 -10.37 -8.38 12.02
CA GLU A 22 -8.96 -8.32 12.39
C GLU A 22 -8.39 -6.97 12.00
N ARG A 23 -7.53 -6.41 12.82
CA ARG A 23 -6.78 -5.23 12.42
C ARG A 23 -5.74 -5.64 11.37
N TYR A 24 -5.63 -4.89 10.29
CA TYR A 24 -4.67 -5.26 9.25
C TYR A 24 -3.25 -5.26 9.82
N ASN A 25 -2.53 -6.34 9.57
CA ASN A 25 -1.18 -6.52 10.06
C ASN A 25 -0.27 -6.86 8.89
N PRO A 26 0.62 -5.94 8.51
CA PRO A 26 1.56 -6.21 7.40
C PRO A 26 2.41 -7.46 7.55
N ASN A 27 2.62 -7.91 8.79
CA ASN A 27 3.41 -9.12 9.07
C ASN A 27 2.64 -10.43 9.01
N ALA A 28 1.33 -10.36 8.85
CA ALA A 28 0.50 -11.55 8.69
C ALA A 28 0.51 -11.99 7.23
N MET A 29 0.05 -13.22 6.96
CA MET A 29 -0.09 -13.73 5.60
C MET A 29 -1.56 -13.72 5.23
N THR A 30 -2.09 -12.52 5.02
CA THR A 30 -3.51 -12.30 4.85
C THR A 30 -3.77 -11.61 3.52
N ALA A 31 -5.04 -11.66 3.10
CA ALA A 31 -5.45 -11.07 1.84
C ALA A 31 -6.93 -10.72 1.82
N ALA A 32 -7.26 -9.85 0.89
CA ALA A 32 -8.63 -9.47 0.55
C ALA A 32 -9.09 -10.15 -0.71
N HIS A 33 -10.35 -10.61 -0.72
CA HIS A 33 -10.98 -11.20 -1.88
C HIS A 33 -12.44 -10.85 -1.82
N ARG A 34 -13.11 -10.74 -2.96
CA ARG A 34 -14.50 -10.25 -2.96
C ARG A 34 -15.50 -11.21 -2.34
N THR A 35 -15.25 -12.51 -2.47
CA THR A 35 -16.29 -13.49 -2.12
C THR A 35 -15.87 -14.69 -1.26
N LEU A 36 -14.59 -15.04 -1.23
CA LEU A 36 -14.20 -16.23 -0.46
C LEU A 36 -14.50 -16.02 1.01
N PRO A 37 -14.94 -17.08 1.71
CA PRO A 37 -15.20 -16.94 3.14
C PRO A 37 -13.97 -16.51 3.94
N PHE A 38 -14.17 -15.71 4.97
CA PHE A 38 -13.06 -15.35 5.85
C PHE A 38 -12.44 -16.60 6.45
N GLY A 39 -11.12 -16.67 6.39
CA GLY A 39 -10.38 -17.83 6.85
C GLY A 39 -9.96 -18.77 5.74
N ALA A 40 -10.55 -18.62 4.56
CA ALA A 40 -10.18 -19.45 3.41
C ALA A 40 -8.69 -19.30 3.11
N ARG A 41 -8.04 -20.43 2.85
CA ARG A 41 -6.63 -20.46 2.44
C ARG A 41 -6.56 -20.49 0.91
N VAL A 42 -5.67 -19.67 0.36
CA VAL A 42 -5.52 -19.50 -1.06
C VAL A 42 -4.05 -19.53 -1.43
N ARG A 43 -3.67 -20.38 -2.39
CA ARG A 43 -2.33 -20.33 -2.96
C ARG A 43 -2.31 -19.30 -4.08
N VAL A 44 -1.39 -18.34 -3.96
CA VAL A 44 -1.23 -17.27 -4.92
C VAL A 44 0.11 -17.47 -5.61
N THR A 45 0.11 -17.50 -6.95
CA THR A 45 1.34 -17.64 -7.73
C THR A 45 1.51 -16.39 -8.57
N ASN A 46 2.65 -15.73 -8.41
CA ASN A 46 3.03 -14.59 -9.23
C ASN A 46 3.45 -15.13 -10.60
N LEU A 47 2.70 -14.80 -11.63
CA LEU A 47 2.97 -15.37 -12.96
C LEU A 47 4.20 -14.77 -13.62
N ASP A 48 4.68 -13.65 -13.10
CA ASP A 48 5.91 -13.03 -13.62
C ASP A 48 7.20 -13.69 -13.15
N ASN A 49 7.18 -14.33 -11.98
CA ASN A 49 8.39 -15.01 -11.47
C ASN A 49 8.15 -16.43 -10.98
N ARG A 50 6.91 -16.89 -10.99
CA ARG A 50 6.53 -18.24 -10.54
C ARG A 50 6.69 -18.50 -9.05
N ARG A 51 6.92 -17.43 -8.27
CA ARG A 51 6.93 -17.56 -6.82
C ARG A 51 5.52 -17.70 -6.30
N SER A 52 5.35 -18.45 -5.22
CA SER A 52 4.03 -18.68 -4.64
C SER A 52 4.05 -18.59 -3.13
N VAL A 53 2.89 -18.19 -2.60
CA VAL A 53 2.64 -18.15 -1.16
C VAL A 53 1.22 -18.63 -0.89
N VAL A 54 0.94 -18.93 0.37
CA VAL A 54 -0.43 -19.20 0.82
C VAL A 54 -0.86 -18.09 1.76
N VAL A 55 -2.01 -17.51 1.45
CA VAL A 55 -2.60 -16.47 2.29
C VAL A 55 -3.96 -16.90 2.81
N ARG A 56 -4.39 -16.23 3.87
CA ARG A 56 -5.69 -16.44 4.51
C ARG A 56 -6.55 -15.21 4.25
N ILE A 57 -7.80 -15.39 3.80
CA ILE A 57 -8.69 -14.28 3.48
C ILE A 57 -9.24 -13.66 4.77
N ASN A 58 -9.05 -12.36 4.94
CA ASN A 58 -9.60 -11.65 6.10
C ASN A 58 -10.19 -10.30 5.77
N ASP A 59 -10.42 -10.00 4.49
CA ASP A 59 -10.90 -8.67 4.13
C ASP A 59 -11.63 -8.73 2.79
N ARG A 60 -12.37 -7.66 2.52
CA ARG A 60 -13.05 -7.44 1.27
C ARG A 60 -12.32 -6.38 0.45
N GLY A 61 -12.92 -6.01 -0.66
CA GLY A 61 -12.16 -5.59 -1.83
C GLY A 61 -11.59 -6.85 -2.51
N PRO A 62 -10.80 -6.68 -3.58
CA PRO A 62 -10.36 -5.44 -4.16
C PRO A 62 -11.42 -4.54 -4.76
N PHE A 63 -10.99 -3.33 -5.11
CA PHE A 63 -11.86 -2.23 -5.48
C PHE A 63 -11.75 -1.76 -6.94
N ARG A 64 -11.01 -2.49 -7.78
CA ARG A 64 -10.91 -2.20 -9.19
C ARG A 64 -11.18 -3.46 -10.02
N ARG A 65 -11.94 -3.31 -11.12
CA ARG A 65 -12.13 -4.36 -12.11
C ARG A 65 -10.75 -4.83 -12.60
N GLY A 66 -10.58 -6.13 -12.69
CA GLY A 66 -9.32 -6.71 -13.10
C GLY A 66 -8.39 -7.07 -11.97
N ARG A 67 -8.66 -6.55 -10.77
CA ARG A 67 -7.87 -6.85 -9.57
CA ARG A 67 -7.87 -6.86 -9.58
C ARG A 67 -8.59 -7.95 -8.80
N ILE A 68 -7.91 -9.07 -8.55
CA ILE A 68 -8.52 -10.23 -7.93
C ILE A 68 -8.21 -10.39 -6.44
N ILE A 69 -7.06 -9.91 -5.99
CA ILE A 69 -6.65 -10.12 -4.61
C ILE A 69 -5.70 -9.01 -4.18
N ASP A 70 -5.81 -8.59 -2.92
CA ASP A 70 -4.87 -7.65 -2.32
C ASP A 70 -4.21 -8.37 -1.15
N VAL A 71 -2.87 -8.39 -1.12
CA VAL A 71 -2.15 -9.19 -0.12
C VAL A 71 -1.40 -8.30 0.87
N SER A 72 -1.04 -8.88 2.01
CA SER A 72 -0.23 -8.18 3.00
C SER A 72 1.18 -7.90 2.47
N ARG A 73 1.88 -7.00 3.16
CA ARG A 73 3.26 -6.71 2.81
C ARG A 73 4.13 -7.98 2.84
N LYS A 74 4.00 -8.77 3.89
CA LYS A 74 4.79 -9.99 4.02
C LYS A 74 4.50 -10.95 2.87
N ALA A 75 3.24 -11.08 2.48
CA ALA A 75 2.90 -11.93 1.34
C ALA A 75 3.52 -11.38 0.05
N ALA A 76 3.49 -10.07 -0.11
CA ALA A 76 4.10 -9.44 -1.29
C ALA A 76 5.58 -9.71 -1.37
N GLU A 77 6.26 -9.71 -0.23
CA GLU A 77 7.68 -10.11 -0.18
C GLU A 77 7.87 -11.54 -0.67
N GLY A 78 7.04 -12.45 -0.19
CA GLY A 78 7.13 -13.85 -0.63
C GLY A 78 6.85 -14.03 -2.11
N LEU A 79 6.01 -13.14 -2.66
CA LEU A 79 5.67 -13.16 -4.09
C LEU A 79 6.67 -12.40 -4.95
N GLY A 80 7.65 -11.73 -4.34
CA GLY A 80 8.60 -10.92 -5.10
C GLY A 80 7.99 -9.75 -5.84
N MET A 81 6.95 -9.15 -5.26
CA MET A 81 6.19 -8.08 -5.92
C MET A 81 6.32 -6.71 -5.25
N ILE A 82 7.25 -6.56 -4.31
CA ILE A 82 7.36 -5.28 -3.59
C ILE A 82 7.68 -4.14 -4.55
N ARG A 83 8.67 -4.34 -5.43
CA ARG A 83 9.07 -3.28 -6.35
C ARG A 83 8.11 -3.14 -7.52
N SER A 84 7.58 -4.24 -8.03
CA SER A 84 6.63 -4.15 -9.15
C SER A 84 5.31 -3.54 -8.71
N GLY A 85 4.95 -3.71 -7.45
CA GLY A 85 3.71 -3.13 -6.90
C GLY A 85 2.49 -4.00 -7.16
N VAL A 86 2.31 -4.35 -8.42
CA VAL A 86 1.28 -5.26 -8.84
C VAL A 86 1.90 -6.38 -9.65
N ALA A 87 1.13 -7.45 -9.81
CA ALA A 87 1.58 -8.57 -10.62
C ALA A 87 0.37 -9.36 -11.05
N PRO A 88 0.45 -10.00 -12.23
CA PRO A 88 -0.57 -10.99 -12.59
C PRO A 88 -0.38 -12.23 -11.73
N VAL A 89 -1.47 -12.76 -11.19
CA VAL A 89 -1.41 -13.93 -10.35
C VAL A 89 -2.45 -14.96 -10.75
N ARG A 90 -2.10 -16.21 -10.45
CA ARG A 90 -3.08 -17.30 -10.37
C ARG A 90 -3.44 -17.46 -8.90
N ILE A 91 -4.70 -17.74 -8.62
CA ILE A 91 -5.13 -18.11 -7.28
C ILE A 91 -5.84 -19.44 -7.31
N GLU A 92 -5.67 -20.20 -6.24
CA GLU A 92 -6.34 -21.46 -6.08
C GLU A 92 -6.77 -21.61 -4.62
N SER A 93 -8.08 -21.74 -4.39
CA SER A 93 -8.60 -22.03 -3.05
C SER A 93 -8.16 -23.42 -2.64
N LEU A 94 -7.68 -23.56 -1.41
CA LEU A 94 -7.20 -24.83 -0.92
C LEU A 94 -8.19 -25.53 -0.01
N ASP A 95 -9.19 -24.91 0.43
N MET B 1 8.49 24.01 7.18
CA MET B 1 9.01 22.68 7.55
C MET B 1 8.30 22.13 8.78
N ASP B 2 8.16 20.80 8.81
CA ASP B 2 7.56 20.11 9.93
C ASP B 2 8.12 18.70 10.06
N THR B 3 7.91 18.08 11.22
CA THR B 3 8.33 16.71 11.43
C THR B 3 7.19 15.94 12.05
N GLY B 4 7.16 14.64 11.77
CA GLY B 4 6.11 13.77 12.26
C GLY B 4 6.24 12.39 11.64
N GLU B 5 5.28 11.53 11.94
CA GLU B 5 5.32 10.15 11.47
C GLU B 5 4.69 10.04 10.07
N ALA B 6 5.31 9.26 9.20
CA ALA B 6 4.79 8.97 7.87
C ALA B 6 4.44 7.52 7.74
N SER B 7 3.43 7.24 6.90
CA SER B 7 3.19 5.91 6.39
C SER B 7 3.04 6.00 4.87
N TYR B 8 2.56 4.92 4.24
CA TYR B 8 2.48 4.90 2.78
C TYR B 8 1.24 4.15 2.28
N TYR B 9 0.83 4.57 1.09
CA TYR B 9 -0.07 3.82 0.23
C TYR B 9 0.72 2.75 -0.50
N GLY B 10 0.10 1.58 -0.67
CA GLY B 10 0.68 0.50 -1.45
C GLY B 10 0.10 0.55 -2.85
N SER B 11 -0.31 -0.60 -3.36
CA SER B 11 -0.99 -0.67 -4.64
C SER B 11 -2.47 -1.05 -4.52
N ARG B 12 -2.96 -1.41 -3.32
CA ARG B 12 -4.39 -1.71 -3.15
C ARG B 12 -5.26 -0.54 -3.61
N HIS B 13 -4.81 0.68 -3.33
CA HIS B 13 -5.53 1.89 -3.64
C HIS B 13 -5.37 2.34 -5.09
N ALA B 14 -4.53 1.65 -5.87
CA ALA B 14 -4.24 2.08 -7.23
C ALA B 14 -5.50 2.21 -8.04
N GLY B 15 -5.62 3.33 -8.74
CA GLY B 15 -6.75 3.58 -9.61
C GLY B 15 -7.91 4.31 -8.95
N LEU B 16 -7.92 4.40 -7.62
CA LEU B 16 -8.99 5.09 -6.91
C LEU B 16 -8.72 6.57 -6.89
N ARG B 17 -9.78 7.36 -6.90
CA ARG B 17 -9.66 8.80 -6.97
C ARG B 17 -9.14 9.40 -5.65
N THR B 18 -8.16 10.27 -5.76
CA THR B 18 -7.70 11.09 -4.65
C THR B 18 -8.58 12.33 -4.48
N ALA B 19 -8.37 13.08 -3.40
CA ALA B 19 -9.11 14.32 -3.14
C ALA B 19 -8.87 15.39 -4.20
N SER B 20 -7.73 15.33 -4.89
CA SER B 20 -7.45 16.24 -6.01
C SER B 20 -8.20 15.84 -7.29
N GLY B 21 -8.77 14.65 -7.35
CA GLY B 21 -9.48 14.14 -8.53
C GLY B 21 -8.70 13.13 -9.34
N GLU B 22 -7.37 13.18 -9.29
CA GLU B 22 -6.61 12.25 -10.09
C GLU B 22 -6.57 10.85 -9.45
N ARG B 23 -6.48 9.84 -10.29
CA ARG B 23 -6.39 8.48 -9.78
C ARG B 23 -5.04 8.28 -9.12
N TYR B 24 -5.02 7.64 -7.96
CA TYR B 24 -3.78 7.31 -7.31
C TYR B 24 -2.97 6.35 -8.18
N ASN B 25 -1.69 6.68 -8.36
CA ASN B 25 -0.76 5.89 -9.15
C ASN B 25 0.40 5.51 -8.25
N PRO B 26 0.55 4.23 -7.90
CA PRO B 26 1.62 3.86 -6.98
C PRO B 26 3.01 4.12 -7.52
N ASN B 27 3.15 4.30 -8.83
CA ASN B 27 4.44 4.59 -9.43
C ASN B 27 4.77 6.07 -9.52
N ALA B 28 3.83 6.93 -9.14
CA ALA B 28 4.05 8.37 -9.11
C ALA B 28 4.67 8.76 -7.76
N MET B 29 5.26 9.95 -7.71
CA MET B 29 5.87 10.50 -6.50
C MET B 29 4.91 11.52 -5.90
N THR B 30 3.96 11.01 -5.11
CA THR B 30 2.86 11.80 -4.59
C THR B 30 2.65 11.52 -3.12
N ALA B 31 1.81 12.34 -2.48
CA ALA B 31 1.48 12.13 -1.08
C ALA B 31 0.17 12.81 -0.72
N ALA B 32 -0.37 12.31 0.39
CA ALA B 32 -1.51 12.90 1.09
C ALA B 32 -1.01 13.73 2.27
N HIS B 33 -1.59 14.90 2.44
CA HIS B 33 -1.29 15.79 3.56
C HIS B 33 -2.57 16.51 3.92
N ARG B 34 -2.73 16.91 5.17
CA ARG B 34 -3.99 17.51 5.59
C ARG B 34 -4.19 18.94 5.11
N THR B 35 -3.11 19.69 4.93
CA THR B 35 -3.23 21.12 4.70
C THR B 35 -2.51 21.68 3.49
N LEU B 36 -1.43 21.05 3.01
CA LEU B 36 -0.67 21.64 1.91
C LEU B 36 -1.52 21.72 0.65
N PRO B 37 -1.32 22.77 -0.16
CA PRO B 37 -2.06 22.84 -1.40
C PRO B 37 -1.80 21.66 -2.34
N PHE B 38 -2.82 21.23 -3.08
CA PHE B 38 -2.59 20.24 -4.13
C PHE B 38 -1.61 20.84 -5.14
N GLY B 39 -0.61 20.03 -5.52
CA GLY B 39 0.43 20.48 -6.40
C GLY B 39 1.69 20.92 -5.68
N ALA B 40 1.62 21.19 -4.38
CA ALA B 40 2.81 21.58 -3.63
C ALA B 40 3.86 20.51 -3.76
N ARG B 41 5.10 20.94 -4.01
CA ARG B 41 6.26 20.04 -4.06
C ARG B 41 6.99 20.13 -2.75
N VAL B 42 7.26 18.97 -2.14
CA VAL B 42 7.95 18.91 -0.86
C VAL B 42 9.02 17.85 -0.87
N ARG B 43 10.11 18.15 -0.17
CA ARG B 43 11.14 17.17 0.12
C ARG B 43 10.78 16.47 1.41
N VAL B 44 10.73 15.15 1.36
CA VAL B 44 10.46 14.32 2.52
C VAL B 44 11.77 13.59 2.83
N THR B 45 12.23 13.71 4.09
CA THR B 45 13.45 13.04 4.54
C THR B 45 13.08 12.07 5.63
N ASN B 46 13.46 10.81 5.46
CA ASN B 46 13.37 9.79 6.50
C ASN B 46 14.47 10.06 7.53
N LEU B 47 14.06 10.40 8.75
CA LEU B 47 15.02 10.83 9.75
C LEU B 47 15.82 9.69 10.36
N ASP B 48 15.40 8.45 10.12
CA ASP B 48 16.16 7.28 10.58
C ASP B 48 17.32 6.93 9.64
N ASN B 49 17.10 6.97 8.33
CA ASN B 49 18.15 6.59 7.37
C ASN B 49 18.66 7.76 6.53
N ARG B 50 18.04 8.92 6.69
CA ARG B 50 18.42 10.15 6.02
C ARG B 50 18.18 10.15 4.51
N ARG B 51 17.49 9.13 3.99
CA ARG B 51 17.06 9.15 2.60
C ARG B 51 16.07 10.25 2.38
N SER B 52 16.08 10.80 1.18
CA SER B 52 15.10 11.80 0.84
C SER B 52 14.57 11.64 -0.56
N VAL B 53 13.34 12.13 -0.74
CA VAL B 53 12.67 12.14 -2.03
C VAL B 53 11.87 13.43 -2.15
N VAL B 54 11.46 13.77 -3.37
CA VAL B 54 10.53 14.86 -3.61
C VAL B 54 9.19 14.27 -4.07
N VAL B 55 8.11 14.73 -3.44
CA VAL B 55 6.76 14.36 -3.82
C VAL B 55 5.90 15.60 -4.06
N ARG B 56 4.81 15.40 -4.79
CA ARG B 56 3.78 16.42 -4.94
C ARG B 56 2.51 15.99 -4.19
N ILE B 57 1.88 16.95 -3.54
CA ILE B 57 0.67 16.66 -2.79
C ILE B 57 -0.52 16.51 -3.74
N ASN B 58 -1.24 15.40 -3.64
CA ASN B 58 -2.44 15.19 -4.48
C ASN B 58 -3.63 14.61 -3.72
N ASP B 59 -3.57 14.54 -2.40
CA ASP B 59 -4.61 13.88 -1.64
C ASP B 59 -4.65 14.44 -0.25
N ARG B 60 -5.75 14.15 0.44
CA ARG B 60 -5.99 14.61 1.81
C ARG B 60 -5.98 13.46 2.76
N GLY B 61 -5.37 13.69 3.89
CA GLY B 61 -5.16 12.73 4.94
C GLY B 61 -3.74 12.97 5.38
N PRO B 62 -3.21 12.14 6.25
CA PRO B 62 -3.82 11.01 6.89
C PRO B 62 -4.90 11.43 7.85
N PHE B 63 -5.96 10.67 7.99
CA PHE B 63 -6.96 10.98 9.03
C PHE B 63 -6.82 10.03 10.22
N ARG B 64 -5.55 9.76 10.53
CA ARG B 64 -5.06 8.92 11.62
C ARG B 64 -4.38 9.86 12.59
N ARG B 65 -4.62 9.70 13.88
CA ARG B 65 -3.85 10.47 14.86
C ARG B 65 -2.40 9.97 14.89
N GLY B 66 -1.44 10.89 15.01
CA GLY B 66 -0.05 10.49 15.05
C GLY B 66 0.55 10.20 13.69
N ARG B 67 0.02 10.80 12.60
CA ARG B 67 0.67 10.76 11.28
C ARG B 67 0.53 12.10 10.57
N ILE B 68 1.60 12.56 9.91
CA ILE B 68 1.58 13.83 9.20
C ILE B 68 1.49 13.72 7.68
N ILE B 69 1.90 12.59 7.11
CA ILE B 69 1.91 12.44 5.64
C ILE B 69 1.84 10.96 5.32
N ASP B 70 1.16 10.63 4.22
CA ASP B 70 1.18 9.27 3.66
C ASP B 70 1.67 9.39 2.23
N VAL B 71 2.78 8.76 1.93
CA VAL B 71 3.41 8.87 0.61
C VAL B 71 3.00 7.71 -0.29
N SER B 72 3.22 7.87 -1.59
CA SER B 72 2.95 6.81 -2.55
C SER B 72 3.92 5.64 -2.36
N ARG B 73 3.56 4.51 -2.99
CA ARG B 73 4.39 3.31 -2.88
C ARG B 73 5.80 3.59 -3.38
N LYS B 74 5.93 4.23 -4.53
CA LYS B 74 7.24 4.51 -5.10
C LYS B 74 8.05 5.43 -4.19
N ALA B 75 7.39 6.42 -3.59
CA ALA B 75 8.07 7.30 -2.66
C ALA B 75 8.57 6.53 -1.43
N ALA B 76 7.74 5.61 -0.93
CA ALA B 76 8.12 4.79 0.22
C ALA B 76 9.33 3.93 -0.08
N GLU B 77 9.38 3.37 -1.30
CA GLU B 77 10.56 2.65 -1.75
C GLU B 77 11.79 3.56 -1.72
N GLY B 78 11.66 4.77 -2.26
CA GLY B 78 12.79 5.71 -2.25
C GLY B 78 13.23 6.12 -0.85
N LEU B 79 12.30 6.13 0.08
CA LEU B 79 12.58 6.45 1.47
C LEU B 79 13.06 5.26 2.29
N GLY B 80 13.06 4.07 1.70
CA GLY B 80 13.49 2.88 2.42
C GLY B 80 12.58 2.46 3.56
N MET B 81 11.28 2.77 3.46
CA MET B 81 10.35 2.55 4.57
C MET B 81 9.32 1.46 4.30
N ILE B 82 9.47 0.67 3.24
CA ILE B 82 8.46 -0.35 2.94
C ILE B 82 8.34 -1.36 4.07
N ARG B 83 9.46 -1.89 4.55
CA ARG B 83 9.42 -2.87 5.61
C ARG B 83 9.06 -2.27 6.95
N SER B 84 9.62 -1.11 7.28
CA SER B 84 9.33 -0.48 8.56
C SER B 84 7.89 -0.05 8.70
N GLY B 85 7.26 0.27 7.58
CA GLY B 85 5.85 0.64 7.54
C GLY B 85 5.64 2.12 7.83
N VAL B 86 6.14 2.53 8.97
CA VAL B 86 6.18 3.94 9.37
C VAL B 86 7.62 4.40 9.38
N ALA B 87 7.80 5.70 9.36
CA ALA B 87 9.12 6.30 9.53
C ALA B 87 8.95 7.69 10.09
N PRO B 88 9.92 8.17 10.88
CA PRO B 88 9.93 9.58 11.26
C PRO B 88 10.40 10.39 10.05
N VAL B 89 9.74 11.49 9.76
CA VAL B 89 10.11 12.30 8.62
C VAL B 89 10.14 13.77 8.94
N ARG B 90 10.95 14.48 8.16
CA ARG B 90 10.86 15.92 7.99
C ARG B 90 10.28 16.22 6.62
N ILE B 91 9.40 17.21 6.54
CA ILE B 91 8.88 17.70 5.29
C ILE B 91 9.29 19.15 5.12
N GLU B 92 9.79 19.48 3.93
CA GLU B 92 10.25 20.83 3.59
C GLU B 92 9.61 21.25 2.28
N SER B 93 8.85 22.34 2.29
CA SER B 93 8.23 22.87 1.08
C SER B 93 9.29 23.42 0.15
N LEU B 94 9.14 23.12 -1.13
CA LEU B 94 10.07 23.63 -2.12
C LEU B 94 9.47 24.82 -2.87
N ASP B 95 10.22 25.47 -3.60
#